data_5J5C
#
_entry.id   5J5C
#
_cell.length_a   107.819
_cell.length_b   107.819
_cell.length_c   204.627
_cell.angle_alpha   90.000
_cell.angle_beta   90.000
_cell.angle_gamma   120.000
#
_symmetry.space_group_name_H-M   'P 62 2 2'
#
loop_
_entity.id
_entity.type
_entity.pdbx_description
1 polymer 'ADP-ribosylation factor-like protein 1'
2 polymer 'Brefeldin A-inhibited guanine nucleotide-exchange protein 1'
3 non-polymer 'MAGNESIUM ION'
4 non-polymer 'SULFATE ION'
5 non-polymer "GUANOSINE-5'-TRIPHOSPHATE"
#
loop_
_entity_poly.entity_id
_entity_poly.type
_entity_poly.pdbx_seq_one_letter_code
_entity_poly.pdbx_strand_id
1 'polypeptide(L)'
;MGREMRILILGLDGAGKTTILYRLQVGEVVTTIPTIGFNVETVTYKNLKFQVWDLGGLTSIRPYWRCYYSNTDAVIYVVD
SCDRDRIGISKSELVAMLEEEELRKAILVVFANKQDMEQAMTSSEMANSLGLPALKDRKWQIFKTSATKGTGLDEAMEWL
VETLKSRQ
;
A
2 'polypeptide(L)'
;MYEGKKTKNMFLTRALEKILADKEVKKAHHSQLRKACEVALEEIKAETEKQSPPHGEAKAGSSTLPPVKSKTNFIEADKY
FLPFELACQSKCPRIVSTSLDCLQKLIAYGHLTGNAPDSTTPGKKLIDRIIETICGCFQGPQTDEGVQLQIIKALLTAVT
SQHIEIHEGTVLQAVRTCYNIYLASKNLINQTTAKATLTQMLNVIFARMENQALQEAKQMEKER
;
B
#
loop_
_chem_comp.id
_chem_comp.type
_chem_comp.name
_chem_comp.formula
GTP non-polymer GUANOSINE-5'-TRIPHOSPHATE 'C10 H16 N5 O14 P3'
MG non-polymer 'MAGNESIUM ION' 'Mg 2'
SO4 non-polymer 'SULFATE ION' 'O4 S -2'
#
# COMPACT_ATOMS: atom_id res chain seq x y z
N GLU A 4 7.43 -16.64 8.01
CA GLU A 4 7.07 -15.27 7.55
C GLU A 4 6.55 -14.43 8.72
N MET A 5 7.14 -13.24 8.90
CA MET A 5 6.83 -12.37 10.03
C MET A 5 6.20 -11.04 9.64
N ARG A 6 5.38 -10.50 10.54
CA ARG A 6 4.63 -9.27 10.24
C ARG A 6 5.29 -8.02 10.80
N ILE A 7 5.52 -7.07 9.91
CA ILE A 7 6.10 -5.79 10.26
C ILE A 7 5.19 -4.65 9.84
N LEU A 8 4.93 -3.72 10.75
CA LEU A 8 4.30 -2.47 10.39
C LEU A 8 5.37 -1.39 10.27
N ILE A 9 5.35 -0.67 9.17
CA ILE A 9 6.16 0.54 9.08
C ILE A 9 5.23 1.71 9.36
N LEU A 10 5.46 2.34 10.50
CA LEU A 10 4.62 3.44 10.96
C LEU A 10 5.45 4.71 11.18
N GLY A 11 4.76 5.83 11.32
CA GLY A 11 5.43 7.13 11.43
C GLY A 11 4.68 8.19 10.65
N LEU A 12 4.92 9.44 10.99
CA LEU A 12 4.14 10.56 10.45
C LEU A 12 4.35 10.70 8.95
N ASP A 13 3.43 11.40 8.28
CA ASP A 13 3.54 11.61 6.85
C ASP A 13 4.86 12.29 6.51
N GLY A 14 5.49 11.81 5.44
CA GLY A 14 6.74 12.40 4.96
C GLY A 14 8.02 11.91 5.62
N ALA A 15 7.89 10.96 6.55
CA ALA A 15 9.04 10.47 7.32
C ALA A 15 10.04 9.67 6.47
N GLY A 16 9.55 8.94 5.48
CA GLY A 16 10.40 8.13 4.61
C GLY A 16 10.05 6.65 4.60
N LYS A 17 8.88 6.33 5.15
CA LYS A 17 8.43 4.94 5.34
C LYS A 17 8.42 4.15 4.03
N THR A 18 7.74 4.71 3.04
CA THR A 18 7.58 4.07 1.74
C THR A 18 8.94 3.89 1.06
N THR A 19 9.76 4.93 1.12
CA THR A 19 11.11 4.93 0.54
C THR A 19 11.90 3.75 1.11
N ILE A 20 11.76 3.55 2.42
CA ILE A 20 12.42 2.46 3.12
C ILE A 20 11.92 1.11 2.63
N LEU A 21 10.59 0.94 2.59
CA LEU A 21 9.98 -0.32 2.18
C LEU A 21 10.59 -0.83 0.88
N TYR A 22 10.62 0.04 -0.13
CA TYR A 22 11.09 -0.36 -1.44
C TYR A 22 12.60 -0.36 -1.56
N ARG A 23 13.28 0.44 -0.75
CA ARG A 23 14.72 0.32 -0.62
C ARG A 23 15.07 -1.06 -0.07
N LEU A 24 14.26 -1.55 0.86
CA LEU A 24 14.47 -2.85 1.46
C LEU A 24 14.16 -4.00 0.51
N GLN A 25 13.08 -3.85 -0.24
CA GLN A 25 12.63 -4.91 -1.14
C GLN A 25 13.53 -5.06 -2.36
N VAL A 26 13.73 -3.96 -3.08
CA VAL A 26 14.46 -4.01 -4.35
C VAL A 26 15.82 -3.28 -4.34
N GLY A 27 16.25 -2.85 -3.16
CA GLY A 27 17.58 -2.26 -2.99
C GLY A 27 17.81 -0.92 -3.68
N GLU A 28 16.72 -0.22 -4.03
CA GLU A 28 16.83 1.08 -4.68
C GLU A 28 15.84 2.10 -4.15
N VAL A 29 16.17 3.37 -4.39
CA VAL A 29 15.28 4.46 -4.06
C VAL A 29 14.34 4.71 -5.24
N VAL A 30 13.05 4.78 -4.96
CA VAL A 30 12.02 5.07 -5.97
C VAL A 30 11.25 6.33 -5.60
N THR A 31 10.59 6.95 -6.57
CA THR A 31 9.78 8.16 -6.31
C THR A 31 8.42 7.76 -5.76
N THR A 32 7.97 8.48 -4.73
CA THR A 32 6.75 8.09 -3.99
C THR A 32 5.64 9.14 -3.97
N ILE A 33 4.42 8.69 -3.71
CA ILE A 33 3.33 9.57 -3.27
C ILE A 33 2.92 9.27 -1.82
N PRO A 34 2.21 10.22 -1.18
CA PRO A 34 1.61 9.95 0.12
C PRO A 34 0.75 8.71 0.04
N THR A 35 1.08 7.74 0.89
CA THR A 35 0.35 6.49 0.92
C THR A 35 -0.98 6.75 1.59
N ILE A 36 -2.05 6.70 0.81
CA ILE A 36 -3.39 6.62 1.38
C ILE A 36 -3.85 5.19 1.13
N GLY A 37 -4.45 4.60 2.17
CA GLY A 37 -4.68 3.16 2.16
C GLY A 37 -3.40 2.51 2.64
N PHE A 38 -2.92 1.52 1.89
CA PHE A 38 -1.66 0.87 2.24
C PHE A 38 -0.94 0.20 1.08
N ASN A 39 0.36 0.01 1.27
CA ASN A 39 1.16 -0.87 0.43
C ASN A 39 1.58 -2.06 1.27
N VAL A 40 1.56 -3.24 0.67
CA VAL A 40 2.08 -4.43 1.34
C VAL A 40 3.01 -5.19 0.39
N GLU A 41 4.25 -5.37 0.82
CA GLU A 41 5.23 -6.11 0.03
C GLU A 41 5.97 -7.11 0.89
N THR A 42 6.43 -8.19 0.26
CA THR A 42 7.18 -9.22 0.93
C THR A 42 8.70 -8.98 0.78
N VAL A 43 9.39 -8.87 1.91
CA VAL A 43 10.82 -8.55 1.92
C VAL A 43 11.64 -9.70 2.48
N THR A 44 12.71 -10.06 1.77
CA THR A 44 13.66 -11.06 2.25
C THR A 44 14.96 -10.37 2.62
N TYR A 45 15.43 -10.61 3.85
CA TYR A 45 16.71 -10.06 4.30
C TYR A 45 17.51 -11.05 5.14
N LYS A 46 18.78 -11.22 4.77
CA LYS A 46 19.67 -12.21 5.40
C LYS A 46 18.93 -13.54 5.51
N ASN A 47 18.14 -13.83 4.47
CA ASN A 47 17.33 -15.04 4.33
C ASN A 47 16.10 -15.19 5.25
N LEU A 48 15.60 -14.10 5.80
CA LEU A 48 14.30 -14.15 6.50
C LEU A 48 13.19 -13.51 5.68
N LYS A 49 12.00 -14.10 5.76
CA LYS A 49 10.85 -13.62 4.98
C LYS A 49 9.96 -12.74 5.84
N PHE A 50 9.72 -11.53 5.36
CA PHE A 50 8.89 -10.57 6.07
C PHE A 50 7.77 -10.07 5.21
N GLN A 51 6.57 -10.07 5.76
CA GLN A 51 5.49 -9.33 5.16
C GLN A 51 5.53 -7.96 5.80
N VAL A 52 5.93 -6.97 5.02
CA VAL A 52 6.10 -5.62 5.52
C VAL A 52 4.98 -4.75 4.97
N TRP A 53 4.31 -4.05 5.87
CA TRP A 53 3.16 -3.22 5.51
C TRP A 53 3.50 -1.78 5.75
N ASP A 54 3.38 -0.98 4.69
CA ASP A 54 3.55 0.47 4.77
C ASP A 54 2.17 1.10 4.74
N LEU A 55 1.87 1.91 5.74
CA LEU A 55 0.62 2.63 5.80
C LEU A 55 0.92 4.12 5.78
N GLY A 56 -0.02 4.91 5.27
CA GLY A 56 0.17 6.35 5.19
C GLY A 56 0.19 7.00 6.56
N GLY A 57 0.91 8.10 6.67
CA GLY A 57 1.08 8.80 7.95
C GLY A 57 0.27 10.07 8.08
N LEU A 58 -0.45 10.44 7.01
CA LEU A 58 -1.28 11.65 6.99
C LEU A 58 -2.10 11.78 8.25
N THR A 59 -2.20 13.01 8.73
CA THR A 59 -2.90 13.30 9.99
C THR A 59 -4.20 12.52 10.13
N SER A 60 -5.02 12.59 9.07
CA SER A 60 -6.36 12.01 9.08
C SER A 60 -6.41 10.48 9.02
N ILE A 61 -5.31 9.86 8.59
CA ILE A 61 -5.32 8.40 8.43
C ILE A 61 -4.49 7.66 9.49
N ARG A 62 -4.11 8.37 10.55
CA ARG A 62 -3.38 7.75 11.66
C ARG A 62 -4.24 6.91 12.58
N PRO A 63 -5.51 7.30 12.82
CA PRO A 63 -6.33 6.51 13.75
C PRO A 63 -6.48 5.05 13.33
N TYR A 64 -6.26 4.77 12.05
CA TYR A 64 -6.46 3.42 11.52
C TYR A 64 -5.28 2.48 11.75
N TRP A 65 -4.16 3.02 12.22
CA TRP A 65 -2.98 2.21 12.45
C TRP A 65 -3.30 1.04 13.31
N ARG A 66 -4.07 1.31 14.36
CA ARG A 66 -4.43 0.31 15.36
C ARG A 66 -5.15 -0.90 14.78
N CYS A 67 -5.89 -0.69 13.69
CA CYS A 67 -6.61 -1.78 13.02
C CYS A 67 -5.66 -2.86 12.48
N TYR A 68 -4.39 -2.49 12.31
CA TYR A 68 -3.39 -3.38 11.71
C TYR A 68 -2.39 -3.93 12.72
N TYR A 69 -2.53 -3.58 14.00
CA TYR A 69 -1.57 -4.02 15.02
C TYR A 69 -1.61 -5.54 15.32
N SER A 70 -2.70 -6.20 14.93
CA SER A 70 -2.89 -7.63 15.19
C SER A 70 -1.76 -8.51 14.66
N ASN A 71 -1.24 -9.37 15.54
CA ASN A 71 -0.19 -10.34 15.18
C ASN A 71 1.05 -9.70 14.55
N THR A 72 1.40 -8.53 15.05
CA THR A 72 2.57 -7.81 14.57
C THR A 72 3.78 -8.26 15.34
N ASP A 73 4.80 -8.71 14.61
CA ASP A 73 6.05 -9.16 15.21
C ASP A 73 6.96 -7.98 15.56
N ALA A 74 7.00 -6.98 14.68
CA ALA A 74 7.86 -5.82 14.87
C ALA A 74 7.33 -4.57 14.20
N VAL A 75 7.56 -3.43 14.84
CA VAL A 75 7.26 -2.14 14.23
C VAL A 75 8.54 -1.42 13.85
N ILE A 76 8.66 -1.11 12.57
CA ILE A 76 9.66 -0.18 12.13
C ILE A 76 9.01 1.20 12.23
N TYR A 77 9.44 1.96 13.22
CA TYR A 77 8.91 3.29 13.44
C TYR A 77 9.87 4.32 12.89
N VAL A 78 9.45 4.95 11.80
CA VAL A 78 10.27 5.88 11.05
C VAL A 78 9.97 7.31 11.48
N VAL A 79 11.02 8.02 11.90
CA VAL A 79 10.89 9.39 12.37
C VAL A 79 11.82 10.30 11.57
N ASP A 80 11.27 11.41 11.08
CA ASP A 80 12.09 12.40 10.40
C ASP A 80 12.93 13.15 11.43
N SER A 81 14.25 12.97 11.33
CA SER A 81 15.21 13.59 12.24
C SER A 81 15.34 15.09 12.03
N CYS A 82 14.88 15.57 10.88
CA CYS A 82 14.94 17.00 10.56
C CYS A 82 13.65 17.70 10.94
N ASP A 83 12.60 16.93 11.18
CA ASP A 83 11.34 17.53 11.59
C ASP A 83 11.34 17.82 13.08
N ARG A 84 11.94 18.95 13.42
CA ARG A 84 12.01 19.41 14.80
C ARG A 84 10.63 19.81 15.31
N ASP A 85 9.78 20.22 14.38
CA ASP A 85 8.43 20.69 14.70
C ASP A 85 7.48 19.64 15.29
N ARG A 86 7.43 18.45 14.72
CA ARG A 86 6.42 17.46 15.13
C ARG A 86 6.96 16.21 15.83
N ILE A 87 8.23 16.26 16.26
CA ILE A 87 8.79 15.12 17.00
C ILE A 87 7.98 14.83 18.27
N GLY A 88 7.40 15.88 18.87
CA GLY A 88 6.47 15.72 19.98
C GLY A 88 5.27 14.87 19.60
N ILE A 89 4.81 15.04 18.36
CA ILE A 89 3.73 14.22 17.81
C ILE A 89 4.20 12.79 17.60
N SER A 90 5.40 12.62 17.03
CA SER A 90 6.01 11.30 16.91
C SER A 90 6.04 10.62 18.28
N LYS A 91 6.45 11.35 19.31
CA LYS A 91 6.50 10.81 20.66
C LYS A 91 5.11 10.36 21.13
N SER A 92 4.17 11.30 21.13
CA SER A 92 2.83 11.03 21.65
C SER A 92 2.06 9.96 20.88
N GLU A 93 2.33 9.83 19.58
CA GLU A 93 1.70 8.80 18.76
C GLU A 93 2.33 7.44 19.01
N LEU A 94 3.62 7.46 19.35
CA LEU A 94 4.35 6.24 19.69
C LEU A 94 3.93 5.73 21.06
N VAL A 95 3.80 6.66 22.00
CA VAL A 95 3.29 6.38 23.35
C VAL A 95 1.94 5.65 23.24
N ALA A 96 1.04 6.25 22.45
CA ALA A 96 -0.30 5.72 22.25
C ALA A 96 -0.30 4.30 21.70
N MET A 97 0.53 4.04 20.69
CA MET A 97 0.53 2.74 20.03
C MET A 97 1.15 1.63 20.88
N LEU A 98 2.11 1.98 21.75
CA LEU A 98 2.76 0.99 22.60
C LEU A 98 1.89 0.60 23.79
N GLU A 99 0.80 1.33 24.00
CA GLU A 99 -0.20 0.98 25.00
C GLU A 99 -1.17 -0.08 24.52
N GLU A 100 -1.24 -0.28 23.21
CA GLU A 100 -2.14 -1.27 22.65
C GLU A 100 -1.69 -2.69 22.97
N GLU A 101 -2.61 -3.47 23.52
CA GLU A 101 -2.36 -4.83 23.99
C GLU A 101 -1.81 -5.74 22.90
N GLU A 102 -2.26 -5.50 21.68
CA GLU A 102 -1.81 -6.25 20.51
C GLU A 102 -0.30 -6.23 20.39
N LEU A 103 0.29 -5.11 20.80
CA LEU A 103 1.69 -4.86 20.56
C LEU A 103 2.59 -5.23 21.73
N ARG A 104 2.00 -5.80 22.78
CA ARG A 104 2.72 -6.17 23.99
C ARG A 104 3.96 -7.02 23.69
N LYS A 105 3.82 -7.92 22.72
CA LYS A 105 4.88 -8.84 22.35
C LYS A 105 5.85 -8.26 21.32
N ALA A 106 5.49 -7.12 20.74
CA ALA A 106 6.18 -6.56 19.57
C ALA A 106 7.53 -5.89 19.85
N ILE A 107 8.47 -6.13 18.94
CA ILE A 107 9.79 -5.51 18.97
C ILE A 107 9.72 -4.15 18.30
N LEU A 108 10.38 -3.15 18.89
CA LEU A 108 10.39 -1.81 18.32
C LEU A 108 11.76 -1.43 17.78
N VAL A 109 11.78 -0.99 16.53
CA VAL A 109 12.99 -0.43 15.92
C VAL A 109 12.69 0.98 15.46
N VAL A 110 13.44 1.95 15.97
CA VAL A 110 13.26 3.34 15.56
C VAL A 110 14.30 3.73 14.51
N PHE A 111 13.80 4.18 13.36
CA PHE A 111 14.67 4.71 12.33
C PHE A 111 14.70 6.22 12.47
N ALA A 112 15.79 6.73 13.03
CA ALA A 112 16.08 8.16 13.00
C ALA A 112 16.53 8.47 11.58
N ASN A 113 15.55 8.75 10.72
CA ASN A 113 15.78 8.81 9.29
C ASN A 113 16.21 10.18 8.81
N LYS A 114 16.77 10.21 7.61
CA LYS A 114 17.23 11.43 6.97
C LYS A 114 18.51 11.92 7.63
N GLN A 115 19.28 10.98 8.19
CA GLN A 115 20.50 11.32 8.91
C GLN A 115 21.51 12.06 8.05
N ASP A 116 21.50 11.76 6.75
CA ASP A 116 22.39 12.38 5.80
C ASP A 116 22.30 13.91 5.83
N MET A 117 21.10 14.42 6.15
CA MET A 117 20.81 15.85 6.10
C MET A 117 21.46 16.66 7.20
N GLU A 118 21.90 17.86 6.83
CA GLU A 118 22.60 18.78 7.72
C GLU A 118 21.82 19.11 8.99
N GLN A 119 20.51 19.26 8.84
CA GLN A 119 19.65 19.71 9.95
C GLN A 119 19.26 18.59 10.92
N ALA A 120 19.89 17.43 10.79
CA ALA A 120 19.49 16.25 11.56
C ALA A 120 19.79 16.35 13.05
N MET A 121 18.81 15.93 13.85
CA MET A 121 19.00 15.74 15.30
C MET A 121 19.91 14.54 15.51
N THR A 122 20.61 14.51 16.64
CA THR A 122 21.44 13.35 16.98
C THR A 122 20.56 12.19 17.39
N SER A 123 21.09 10.98 17.20
CA SER A 123 20.44 9.73 17.61
C SER A 123 20.04 9.77 19.09
N SER A 124 20.94 10.31 19.91
CA SER A 124 20.76 10.41 21.37
C SER A 124 19.68 11.42 21.74
N GLU A 125 19.68 12.56 21.05
CA GLU A 125 18.71 13.62 21.22
C GLU A 125 17.30 13.13 20.89
N MET A 126 17.19 12.35 19.82
CA MET A 126 15.91 11.79 19.39
C MET A 126 15.38 10.76 20.35
N ALA A 127 16.26 9.84 20.78
CA ALA A 127 15.90 8.83 21.77
C ALA A 127 15.31 9.46 23.02
N ASN A 128 15.96 10.50 23.51
CA ASN A 128 15.48 11.26 24.66
C ASN A 128 14.15 11.94 24.37
N SER A 129 14.03 12.48 23.15
CA SER A 129 12.83 13.17 22.72
C SER A 129 11.61 12.24 22.72
N LEU A 130 11.82 11.00 22.30
CA LEU A 130 10.74 10.04 22.18
C LEU A 130 10.43 9.33 23.49
N GLY A 131 11.29 9.53 24.49
CA GLY A 131 11.13 8.88 25.78
C GLY A 131 11.35 7.38 25.68
N LEU A 132 12.26 7.00 24.78
CA LEU A 132 12.62 5.59 24.57
C LEU A 132 13.22 4.92 25.82
N PRO A 133 14.09 5.63 26.57
CA PRO A 133 14.62 5.05 27.81
C PRO A 133 13.52 4.82 28.84
N ALA A 134 12.42 5.54 28.70
CA ALA A 134 11.25 5.40 29.57
C ALA A 134 10.37 4.20 29.21
N LEU A 135 10.80 3.40 28.23
CA LEU A 135 10.00 2.26 27.79
C LEU A 135 10.06 1.05 28.71
N LYS A 136 8.86 0.57 29.03
CA LYS A 136 8.61 -0.59 29.87
C LYS A 136 8.43 -1.86 29.03
N ASP A 137 9.24 -2.88 29.31
CA ASP A 137 9.12 -4.21 28.68
C ASP A 137 9.32 -4.25 27.16
N ARG A 138 9.95 -3.22 26.60
CA ARG A 138 10.15 -3.16 25.15
C ARG A 138 11.58 -3.56 24.81
N LYS A 139 11.73 -4.54 23.93
CA LYS A 139 13.03 -4.76 23.32
C LYS A 139 13.06 -3.78 22.16
N TRP A 140 14.02 -2.86 22.18
CA TRP A 140 14.05 -1.79 21.21
C TRP A 140 15.42 -1.24 20.99
N GLN A 141 15.61 -0.64 19.82
CA GLN A 141 16.84 0.05 19.49
C GLN A 141 16.55 1.17 18.50
N ILE A 142 17.43 2.17 18.50
CA ILE A 142 17.33 3.31 17.59
C ILE A 142 18.48 3.32 16.59
N PHE A 143 18.20 3.72 15.35
CA PHE A 143 19.22 3.73 14.30
C PHE A 143 19.21 4.98 13.42
N LYS A 144 20.39 5.55 13.24
CA LYS A 144 20.63 6.63 12.29
C LYS A 144 20.58 6.06 10.88
N THR A 145 19.68 6.61 10.05
CA THR A 145 19.43 6.03 8.72
C THR A 145 19.28 7.05 7.59
N SER A 146 19.59 6.62 6.38
CA SER A 146 19.26 7.35 5.17
C SER A 146 18.72 6.40 4.10
N ALA A 147 17.42 6.51 3.83
CA ALA A 147 16.75 5.66 2.84
C ALA A 147 17.22 6.00 1.43
N THR A 148 17.49 7.28 1.23
CA THR A 148 17.99 7.81 -0.03
C THR A 148 19.39 7.29 -0.36
N LYS A 149 20.29 7.41 0.62
CA LYS A 149 21.68 7.07 0.42
C LYS A 149 21.97 5.60 0.71
N GLY A 150 21.05 4.94 1.39
CA GLY A 150 21.21 3.54 1.79
C GLY A 150 21.91 3.38 3.13
N THR A 151 22.22 4.51 3.76
CA THR A 151 22.95 4.55 5.04
C THR A 151 22.16 3.89 6.19
N GLY A 152 22.86 3.04 6.94
CA GLY A 152 22.36 2.55 8.22
C GLY A 152 21.28 1.47 8.20
N LEU A 153 20.72 1.21 7.02
CA LEU A 153 19.60 0.28 6.90
C LEU A 153 19.97 -1.17 7.23
N ASP A 154 21.10 -1.63 6.70
CA ASP A 154 21.55 -3.00 6.92
C ASP A 154 21.89 -3.24 8.38
N GLU A 155 22.41 -2.22 9.04
CA GLU A 155 22.74 -2.26 10.46
C GLU A 155 21.48 -2.44 11.30
N ALA A 156 20.45 -1.65 10.99
CA ALA A 156 19.17 -1.71 11.68
C ALA A 156 18.48 -3.05 11.44
N MET A 157 18.55 -3.53 10.20
CA MET A 157 17.93 -4.79 9.81
C MET A 157 18.62 -5.99 10.45
N GLU A 158 19.94 -5.93 10.53
CA GLU A 158 20.71 -6.98 11.21
C GLU A 158 20.25 -7.08 12.65
N TRP A 159 20.07 -5.94 13.29
CA TRP A 159 19.61 -5.90 14.67
C TRP A 159 18.25 -6.47 14.81
N LEU A 160 17.33 -6.06 13.93
CA LEU A 160 15.95 -6.54 13.99
C LEU A 160 15.89 -8.06 13.79
N VAL A 161 16.64 -8.55 12.81
CA VAL A 161 16.68 -9.97 12.46
C VAL A 161 17.20 -10.82 13.62
N GLU A 162 18.31 -10.41 14.23
CA GLU A 162 18.87 -11.12 15.37
C GLU A 162 17.90 -11.09 16.56
N THR A 163 17.24 -9.95 16.76
CA THR A 163 16.30 -9.78 17.87
C THR A 163 15.06 -10.67 17.73
N LEU A 164 14.58 -10.84 16.50
CA LEU A 164 13.44 -11.72 16.24
C LEU A 164 13.81 -13.16 16.52
N LYS A 165 15.06 -13.51 16.21
CA LYS A 165 15.64 -14.78 16.61
C LYS A 165 15.85 -14.82 18.13
N SER A 166 14.76 -14.68 18.86
CA SER A 166 14.75 -14.74 20.33
C SER A 166 13.36 -15.16 20.77
N ARG A 167 13.23 -16.46 21.05
CA ARG A 167 11.93 -17.09 21.22
C ARG A 167 11.73 -17.58 22.66
N GLN A 168 10.49 -17.45 23.14
CA GLN A 168 10.10 -17.91 24.47
C GLN A 168 10.31 -19.42 24.63
N ARG B 14 6.64 3.85 -17.44
CA ARG B 14 7.87 3.04 -17.31
C ARG B 14 7.61 1.64 -16.74
N ALA B 15 6.77 1.55 -15.70
CA ALA B 15 6.44 0.24 -15.11
C ALA B 15 5.78 -0.66 -16.13
N LEU B 16 4.88 -0.05 -16.88
CA LEU B 16 4.02 -0.71 -17.85
C LEU B 16 4.76 -1.77 -18.66
N GLU B 17 5.83 -1.35 -19.32
CA GLU B 17 6.64 -2.22 -20.18
C GLU B 17 7.12 -3.48 -19.47
N LYS B 18 7.81 -3.27 -18.35
CA LYS B 18 8.36 -4.36 -17.54
C LYS B 18 7.29 -5.38 -17.14
N ILE B 19 6.19 -4.89 -16.59
CA ILE B 19 5.10 -5.74 -16.12
C ILE B 19 4.44 -6.54 -17.24
N LEU B 20 4.29 -5.93 -18.40
CA LEU B 20 3.66 -6.57 -19.56
C LEU B 20 4.52 -7.72 -20.11
N ALA B 21 5.83 -7.54 -20.13
CA ALA B 21 6.76 -8.58 -20.54
C ALA B 21 6.73 -9.73 -19.54
N ASP B 22 6.70 -9.38 -18.26
CA ASP B 22 6.57 -10.36 -17.18
C ASP B 22 5.24 -11.09 -17.28
N LYS B 23 4.24 -10.41 -17.83
CA LYS B 23 2.92 -10.99 -18.07
C LYS B 23 2.98 -12.13 -19.10
N GLU B 24 3.86 -11.98 -20.09
CA GLU B 24 4.04 -12.98 -21.14
C GLU B 24 4.66 -14.29 -20.64
N VAL B 25 5.48 -14.20 -19.59
CA VAL B 25 6.34 -15.30 -19.14
C VAL B 25 5.65 -16.53 -18.55
N LYS B 26 4.64 -16.33 -17.72
CA LYS B 26 4.03 -17.42 -16.93
C LYS B 26 3.43 -18.56 -17.76
N LYS B 27 2.56 -18.25 -18.72
CA LYS B 27 1.89 -19.28 -19.51
C LYS B 27 1.35 -18.79 -20.85
N ALA B 28 1.49 -19.65 -21.86
CA ALA B 28 0.97 -19.38 -23.20
C ALA B 28 -0.09 -20.41 -23.61
N HIS B 29 -0.42 -21.32 -22.69
CA HIS B 29 -1.50 -22.29 -22.88
C HIS B 29 -2.80 -21.58 -23.15
N HIS B 30 -2.93 -20.37 -22.60
CA HIS B 30 -3.99 -19.43 -22.96
C HIS B 30 -3.43 -18.40 -23.91
N SER B 31 -3.57 -18.70 -25.21
CA SER B 31 -2.96 -17.93 -26.29
C SER B 31 -3.57 -16.55 -26.52
N GLN B 32 -4.89 -16.43 -26.28
CA GLN B 32 -5.60 -15.17 -26.43
C GLN B 32 -5.04 -14.09 -25.50
N LEU B 33 -4.79 -14.48 -24.26
CA LEU B 33 -4.18 -13.61 -23.25
C LEU B 33 -2.80 -13.12 -23.67
N ARG B 34 -1.99 -14.05 -24.18
CA ARG B 34 -0.65 -13.75 -24.66
C ARG B 34 -0.68 -12.72 -25.79
N LYS B 35 -1.61 -12.93 -26.72
CA LYS B 35 -1.75 -12.04 -27.89
C LYS B 35 -2.19 -10.63 -27.51
N ALA B 36 -3.11 -10.53 -26.55
CA ALA B 36 -3.61 -9.24 -26.08
C ALA B 36 -2.52 -8.42 -25.39
N CYS B 37 -1.67 -9.11 -24.63
CA CYS B 37 -0.52 -8.49 -23.99
C CYS B 37 0.45 -7.93 -25.03
N GLU B 38 0.69 -8.70 -26.10
CA GLU B 38 1.60 -8.30 -27.17
C GLU B 38 1.13 -7.05 -27.92
N VAL B 39 -0.16 -7.01 -28.24
CA VAL B 39 -0.76 -5.88 -28.96
C VAL B 39 -0.70 -4.59 -28.15
N ALA B 40 -1.03 -4.69 -26.87
CA ALA B 40 -0.99 -3.54 -25.96
C ALA B 40 0.43 -3.01 -25.81
N LEU B 41 1.40 -3.93 -25.73
CA LEU B 41 2.81 -3.59 -25.64
C LEU B 41 3.26 -2.84 -26.89
N GLU B 42 2.79 -3.30 -28.05
CA GLU B 42 3.12 -2.71 -29.34
C GLU B 42 2.60 -1.29 -29.48
N GLU B 43 1.34 -1.08 -29.13
CA GLU B 43 0.71 0.24 -29.15
C GLU B 43 1.49 1.21 -28.28
N ILE B 44 2.00 0.71 -27.16
CA ILE B 44 2.86 1.47 -26.26
C ILE B 44 4.12 1.93 -26.96
N LYS B 45 4.74 1.04 -27.73
CA LYS B 45 5.96 1.35 -28.50
C LYS B 45 5.67 2.44 -29.53
N ALA B 46 4.52 2.35 -30.17
CA ALA B 46 4.10 3.34 -31.17
C ALA B 46 3.84 4.71 -30.55
N GLU B 47 3.23 4.72 -29.37
CA GLU B 47 2.95 5.96 -28.65
C GLU B 47 4.23 6.60 -28.11
N THR B 48 5.22 5.75 -27.82
CA THR B 48 6.53 6.21 -27.38
C THR B 48 7.32 6.85 -28.53
N GLU B 49 7.08 6.34 -29.75
CA GLU B 49 7.79 6.77 -30.97
C GLU B 49 8.24 8.24 -30.96
N THR B 64 13.41 2.68 -12.66
CA THR B 64 12.63 2.07 -11.57
C THR B 64 11.46 1.24 -12.14
N LEU B 65 11.32 0.03 -11.62
CA LEU B 65 10.31 -0.92 -12.12
C LEU B 65 8.86 -0.68 -11.65
N PRO B 66 8.65 -0.04 -10.46
CA PRO B 66 7.34 0.50 -10.07
C PRO B 66 6.90 1.77 -10.85
N PRO B 67 5.57 1.94 -11.08
CA PRO B 67 4.96 2.92 -12.02
C PRO B 67 5.40 4.38 -11.85
N VAL B 68 5.28 5.14 -12.94
CA VAL B 68 5.79 6.50 -13.05
C VAL B 68 4.77 7.58 -12.59
N LYS B 69 5.15 8.86 -12.72
CA LYS B 69 4.36 10.01 -12.26
C LYS B 69 3.22 10.45 -13.21
N SER B 70 2.28 11.22 -12.67
CA SER B 70 0.99 11.51 -13.31
C SER B 70 1.05 12.21 -14.67
N LYS B 71 2.00 13.11 -14.82
CA LYS B 71 2.07 14.10 -15.92
C LYS B 71 1.77 13.57 -17.34
N THR B 72 1.26 14.47 -18.18
CA THR B 72 0.78 14.15 -19.53
C THR B 72 1.87 13.67 -20.51
N ASN B 73 3.10 14.07 -20.25
CA ASN B 73 4.26 13.61 -21.04
C ASN B 73 4.32 12.09 -21.12
N PHE B 74 4.14 11.44 -19.98
CA PHE B 74 3.89 10.01 -19.91
C PHE B 74 2.50 9.79 -20.50
N ILE B 75 2.44 8.94 -21.51
CA ILE B 75 1.20 8.66 -22.23
C ILE B 75 0.25 7.86 -21.31
N GLU B 76 -0.81 8.54 -20.83
CA GLU B 76 -1.75 7.96 -19.87
C GLU B 76 -2.40 6.67 -20.37
N ALA B 77 -2.15 5.58 -19.65
CA ALA B 77 -2.64 4.26 -20.05
C ALA B 77 -4.09 4.05 -19.63
N ASP B 78 -5.02 4.27 -20.57
CA ASP B 78 -6.44 4.02 -20.32
C ASP B 78 -6.92 2.71 -20.94
N LYS B 79 -7.22 2.71 -22.24
CA LYS B 79 -7.72 1.49 -22.91
C LYS B 79 -6.60 0.47 -23.15
N TYR B 80 -5.40 0.81 -22.71
CA TYR B 80 -4.26 -0.12 -22.66
C TYR B 80 -4.59 -1.23 -21.68
N PHE B 81 -5.70 -1.05 -20.98
CA PHE B 81 -6.08 -1.86 -19.83
C PHE B 81 -6.26 -3.35 -20.11
N LEU B 82 -6.86 -3.66 -21.25
CA LEU B 82 -7.50 -4.95 -21.47
C LEU B 82 -6.69 -6.26 -21.19
N PRO B 83 -5.34 -6.23 -21.36
CA PRO B 83 -4.60 -7.44 -20.96
C PRO B 83 -4.64 -7.73 -19.45
N PHE B 84 -5.10 -6.76 -18.66
CA PHE B 84 -5.25 -6.93 -17.21
C PHE B 84 -6.54 -7.64 -16.86
N GLU B 85 -7.61 -7.30 -17.57
CA GLU B 85 -8.89 -7.97 -17.42
C GLU B 85 -8.66 -9.47 -17.62
N LEU B 86 -7.79 -9.79 -18.57
CA LEU B 86 -7.30 -11.15 -18.78
C LEU B 86 -6.56 -11.68 -17.56
N ALA B 87 -5.60 -10.90 -17.09
CA ALA B 87 -4.75 -11.29 -15.97
C ALA B 87 -5.53 -11.63 -14.69
N CYS B 88 -6.64 -10.93 -14.48
CA CYS B 88 -7.50 -11.16 -13.32
C CYS B 88 -8.36 -12.39 -13.48
N GLN B 89 -8.73 -12.69 -14.73
CA GLN B 89 -9.60 -13.81 -15.03
C GLN B 89 -8.78 -15.02 -15.48
N SER B 90 -7.46 -14.84 -15.50
CA SER B 90 -6.55 -15.97 -15.65
C SER B 90 -6.67 -16.86 -14.42
N LYS B 91 -6.18 -18.08 -14.54
CA LYS B 91 -6.35 -19.06 -13.48
C LYS B 91 -5.15 -19.12 -12.54
N CYS B 92 -3.94 -19.01 -13.10
CA CYS B 92 -2.71 -18.99 -12.30
C CYS B 92 -2.76 -17.83 -11.31
N PRO B 93 -3.03 -18.14 -10.03
CA PRO B 93 -3.38 -17.11 -9.04
C PRO B 93 -2.24 -16.15 -8.77
N ARG B 94 -1.01 -16.56 -9.07
CA ARG B 94 0.15 -15.69 -8.93
C ARG B 94 0.13 -14.55 -9.96
N ILE B 95 -0.56 -14.77 -11.07
CA ILE B 95 -0.65 -13.76 -12.12
C ILE B 95 -1.91 -12.88 -11.94
N VAL B 96 -2.91 -13.43 -11.25
CA VAL B 96 -4.05 -12.64 -10.79
C VAL B 96 -3.54 -11.68 -9.72
N SER B 97 -2.84 -12.24 -8.74
CA SER B 97 -2.20 -11.48 -7.66
C SER B 97 -1.31 -10.36 -8.20
N THR B 98 -0.54 -10.68 -9.24
CA THR B 98 0.28 -9.69 -9.94
C THR B 98 -0.57 -8.56 -10.52
N SER B 99 -1.66 -8.92 -11.19
CA SER B 99 -2.54 -7.95 -11.84
C SER B 99 -3.18 -6.97 -10.85
N LEU B 100 -3.84 -7.51 -9.84
CA LEU B 100 -4.43 -6.74 -8.74
C LEU B 100 -3.43 -5.75 -8.13
N ASP B 101 -2.17 -6.17 -8.09
CA ASP B 101 -1.09 -5.35 -7.53
C ASP B 101 -0.83 -4.11 -8.37
N CYS B 102 -0.37 -4.30 -9.60
CA CYS B 102 0.01 -3.19 -10.47
C CYS B 102 -1.15 -2.26 -10.80
N LEU B 103 -2.36 -2.79 -10.89
CA LEU B 103 -3.55 -1.97 -10.98
C LEU B 103 -3.57 -1.01 -9.79
N GLN B 104 -3.66 -1.57 -8.58
CA GLN B 104 -3.62 -0.80 -7.34
C GLN B 104 -2.59 0.33 -7.40
N LYS B 105 -1.39 0.00 -7.87
CA LYS B 105 -0.30 0.96 -7.96
C LYS B 105 -0.67 2.16 -8.83
N LEU B 106 -0.80 1.93 -10.14
CA LEU B 106 -0.97 3.03 -11.08
C LEU B 106 -2.28 3.82 -10.90
N ILE B 107 -3.33 3.15 -10.41
CA ILE B 107 -4.58 3.84 -10.15
C ILE B 107 -4.43 4.78 -8.95
N ALA B 108 -3.55 4.40 -8.01
CA ALA B 108 -3.28 5.24 -6.85
C ALA B 108 -2.34 6.38 -7.22
N TYR B 109 -1.63 6.21 -8.34
CA TYR B 109 -0.75 7.25 -8.85
C TYR B 109 -1.49 8.29 -9.68
N GLY B 110 -2.73 7.97 -10.04
CA GLY B 110 -3.59 8.86 -10.83
C GLY B 110 -3.38 8.65 -12.32
N HIS B 111 -3.15 7.41 -12.71
CA HIS B 111 -2.81 7.08 -14.09
C HIS B 111 -3.93 6.39 -14.81
N LEU B 112 -4.98 6.06 -14.08
CA LEU B 112 -6.17 5.44 -14.65
C LEU B 112 -7.40 6.24 -14.24
N THR B 113 -7.59 7.38 -14.89
CA THR B 113 -8.67 8.31 -14.55
C THR B 113 -10.06 7.77 -14.92
N GLY B 114 -10.12 7.01 -16.01
CA GLY B 114 -11.38 6.46 -16.52
C GLY B 114 -12.06 7.38 -17.51
N ASN B 115 -13.01 6.82 -18.25
CA ASN B 115 -13.70 7.58 -19.30
C ASN B 115 -15.16 7.16 -19.44
N ALA B 116 -15.77 7.54 -20.56
CA ALA B 116 -17.16 7.20 -20.87
C ALA B 116 -17.36 5.68 -20.97
N PRO B 117 -18.61 5.20 -20.86
CA PRO B 117 -18.83 3.74 -20.89
C PRO B 117 -18.27 3.11 -22.16
N ASP B 118 -17.50 2.03 -21.99
CA ASP B 118 -16.88 1.35 -23.12
C ASP B 118 -17.30 -0.11 -23.17
N SER B 119 -17.78 -0.53 -24.34
CA SER B 119 -18.21 -1.91 -24.59
C SER B 119 -19.29 -2.34 -23.58
N THR B 120 -19.99 -1.35 -23.04
CA THR B 120 -21.05 -1.56 -22.05
C THR B 120 -22.05 -0.41 -22.09
N THR B 121 -23.23 -0.65 -21.53
CA THR B 121 -24.26 0.36 -21.39
C THR B 121 -23.82 1.50 -20.44
N PRO B 122 -24.10 2.76 -20.83
CA PRO B 122 -23.85 3.96 -20.02
C PRO B 122 -24.58 4.00 -18.67
N GLY B 123 -24.34 5.06 -17.90
CA GLY B 123 -24.78 5.14 -16.51
C GLY B 123 -23.70 4.52 -15.63
N LYS B 124 -22.57 4.19 -16.26
CA LYS B 124 -21.41 3.61 -15.58
C LYS B 124 -20.16 3.83 -16.44
N LYS B 125 -19.18 4.54 -15.87
CA LYS B 125 -17.90 4.83 -16.52
C LYS B 125 -16.97 3.63 -16.55
N LEU B 126 -15.82 3.76 -17.24
CA LEU B 126 -14.85 2.66 -17.37
C LEU B 126 -14.18 2.27 -16.05
N ILE B 127 -14.11 3.22 -15.12
CA ILE B 127 -13.62 3.00 -13.76
C ILE B 127 -14.44 1.94 -13.04
N ASP B 128 -15.75 2.08 -13.13
CA ASP B 128 -16.69 1.14 -12.54
C ASP B 128 -16.51 -0.28 -13.12
N ARG B 129 -15.99 -0.34 -14.35
CA ARG B 129 -15.72 -1.61 -15.03
C ARG B 129 -14.51 -2.32 -14.43
N ILE B 130 -13.39 -1.60 -14.29
CA ILE B 130 -12.18 -2.19 -13.70
C ILE B 130 -12.44 -2.66 -12.26
N ILE B 131 -13.12 -1.85 -11.48
CA ILE B 131 -13.48 -2.21 -10.11
C ILE B 131 -14.31 -3.50 -10.07
N GLU B 132 -15.28 -3.62 -10.99
CA GLU B 132 -16.12 -4.82 -11.09
C GLU B 132 -15.28 -6.06 -11.41
N THR B 133 -14.23 -5.86 -12.21
CA THR B 133 -13.33 -6.95 -12.57
C THR B 133 -12.34 -7.32 -11.47
N ILE B 134 -12.07 -6.40 -10.54
CA ILE B 134 -11.26 -6.73 -9.37
C ILE B 134 -12.13 -7.38 -8.28
N CYS B 135 -13.40 -6.99 -8.23
CA CYS B 135 -14.36 -7.62 -7.33
C CYS B 135 -14.64 -9.06 -7.77
N GLY B 136 -14.44 -9.30 -9.07
CA GLY B 136 -14.74 -10.60 -9.67
C GLY B 136 -13.61 -11.61 -9.63
N CYS B 137 -12.58 -11.31 -8.86
CA CYS B 137 -11.48 -12.24 -8.67
C CYS B 137 -11.72 -13.08 -7.42
N PHE B 138 -12.56 -12.55 -6.54
CA PHE B 138 -12.95 -13.25 -5.33
C PHE B 138 -14.27 -13.98 -5.54
N GLN B 139 -14.23 -15.31 -5.47
CA GLN B 139 -15.43 -16.15 -5.48
C GLN B 139 -15.32 -17.24 -4.43
N GLY B 140 -15.80 -16.96 -3.22
CA GLY B 140 -15.80 -17.94 -2.14
C GLY B 140 -14.45 -18.15 -1.48
N PRO B 141 -14.43 -18.93 -0.38
CA PRO B 141 -13.24 -19.17 0.43
C PRO B 141 -12.13 -19.91 -0.33
N GLN B 142 -12.51 -20.59 -1.41
CA GLN B 142 -11.58 -21.38 -2.21
C GLN B 142 -10.45 -20.56 -2.85
N THR B 143 -10.76 -19.31 -3.19
CA THR B 143 -9.85 -18.46 -3.97
C THR B 143 -8.51 -18.24 -3.25
N ASP B 144 -7.43 -18.16 -4.03
CA ASP B 144 -6.10 -17.94 -3.50
C ASP B 144 -6.06 -16.72 -2.58
N GLU B 145 -5.37 -16.86 -1.46
CA GLU B 145 -5.32 -15.82 -0.43
C GLU B 145 -4.45 -14.62 -0.80
N GLY B 146 -3.38 -14.87 -1.56
CA GLY B 146 -2.55 -13.80 -2.09
C GLY B 146 -3.40 -12.88 -2.94
N VAL B 147 -4.22 -13.48 -3.79
CA VAL B 147 -5.21 -12.75 -4.58
C VAL B 147 -6.18 -12.02 -3.66
N GLN B 148 -6.75 -12.75 -2.69
CA GLN B 148 -7.70 -12.18 -1.73
C GLN B 148 -7.21 -10.83 -1.20
N LEU B 149 -5.99 -10.82 -0.68
CA LEU B 149 -5.38 -9.63 -0.08
C LEU B 149 -5.20 -8.52 -1.12
N GLN B 150 -4.61 -8.90 -2.25
CA GLN B 150 -4.41 -7.99 -3.37
C GLN B 150 -5.69 -7.26 -3.75
N ILE B 151 -6.79 -8.01 -3.81
CA ILE B 151 -8.12 -7.45 -3.99
C ILE B 151 -8.38 -6.40 -2.93
N ILE B 152 -8.37 -6.81 -1.66
CA ILE B 152 -8.66 -5.92 -0.54
C ILE B 152 -7.88 -4.62 -0.68
N LYS B 153 -6.61 -4.74 -1.08
CA LYS B 153 -5.72 -3.61 -1.20
C LYS B 153 -6.11 -2.70 -2.36
N ALA B 154 -6.32 -3.32 -3.53
CA ALA B 154 -6.70 -2.58 -4.73
C ALA B 154 -8.02 -1.86 -4.52
N LEU B 155 -8.99 -2.59 -3.97
CA LEU B 155 -10.30 -2.06 -3.60
C LEU B 155 -10.17 -0.83 -2.71
N LEU B 156 -9.21 -0.88 -1.79
CA LEU B 156 -8.97 0.23 -0.87
C LEU B 156 -8.49 1.50 -1.58
N THR B 157 -7.32 1.44 -2.22
CA THR B 157 -6.76 2.65 -2.85
C THR B 157 -7.62 3.11 -4.03
N ALA B 158 -8.53 2.25 -4.47
CA ALA B 158 -9.51 2.59 -5.51
C ALA B 158 -10.58 3.55 -4.99
N VAL B 159 -11.36 3.07 -4.02
CA VAL B 159 -12.39 3.88 -3.35
C VAL B 159 -11.82 5.21 -2.84
N THR B 160 -10.60 5.17 -2.31
CA THR B 160 -10.02 6.30 -1.59
C THR B 160 -9.09 7.16 -2.43
N SER B 161 -8.95 6.86 -3.72
CA SER B 161 -8.08 7.68 -4.56
C SER B 161 -8.65 9.08 -4.69
N GLN B 162 -7.85 10.06 -4.28
CA GLN B 162 -8.19 11.49 -4.41
C GLN B 162 -8.67 11.77 -5.82
N HIS B 163 -8.20 10.95 -6.75
CA HIS B 163 -8.24 11.23 -8.17
C HIS B 163 -9.50 10.84 -8.89
N ILE B 164 -10.22 9.84 -8.41
CA ILE B 164 -11.39 9.33 -9.14
C ILE B 164 -12.65 9.13 -8.30
N GLU B 165 -13.78 9.65 -8.81
CA GLU B 165 -15.10 9.43 -8.24
C GLU B 165 -15.67 8.07 -8.67
N ILE B 166 -16.62 7.56 -7.90
CA ILE B 166 -17.22 6.26 -8.19
C ILE B 166 -18.75 6.32 -8.17
N HIS B 167 -19.36 5.59 -9.09
CA HIS B 167 -20.79 5.32 -9.04
C HIS B 167 -21.05 4.60 -7.75
N GLU B 168 -22.03 5.08 -7.00
CA GLU B 168 -22.28 4.59 -5.63
C GLU B 168 -22.63 3.10 -5.56
N GLY B 169 -23.13 2.56 -6.68
CA GLY B 169 -23.40 1.13 -6.79
C GLY B 169 -22.12 0.34 -6.91
N THR B 170 -21.14 0.93 -7.60
CA THR B 170 -19.81 0.34 -7.71
C THR B 170 -19.13 0.38 -6.34
N VAL B 171 -19.38 1.45 -5.59
CA VAL B 171 -18.92 1.57 -4.21
C VAL B 171 -19.45 0.39 -3.41
N LEU B 172 -20.76 0.15 -3.52
CA LEU B 172 -21.41 -0.93 -2.80
C LEU B 172 -20.82 -2.28 -3.13
N GLN B 173 -20.53 -2.49 -4.42
CA GLN B 173 -19.96 -3.75 -4.86
C GLN B 173 -18.57 -3.95 -4.26
N ALA B 174 -17.79 -2.86 -4.24
CA ALA B 174 -16.48 -2.85 -3.58
C ALA B 174 -16.64 -3.29 -2.12
N VAL B 175 -17.47 -2.56 -1.39
CA VAL B 175 -17.79 -2.85 0.00
C VAL B 175 -18.19 -4.32 0.17
N ARG B 176 -19.06 -4.79 -0.73
CA ARG B 176 -19.56 -6.15 -0.63
C ARG B 176 -18.43 -7.18 -0.73
N THR B 177 -17.66 -7.09 -1.81
CA THR B 177 -16.54 -8.01 -2.02
C THR B 177 -15.59 -8.04 -0.82
N CYS B 178 -15.31 -6.86 -0.26
CA CYS B 178 -14.48 -6.76 0.94
C CYS B 178 -15.08 -7.51 2.13
N TYR B 179 -16.35 -7.23 2.43
CA TYR B 179 -17.05 -7.87 3.54
C TYR B 179 -17.16 -9.38 3.33
N ASN B 180 -17.24 -9.77 2.07
CA ASN B 180 -17.25 -11.19 1.69
C ASN B 180 -15.94 -11.86 2.06
N ILE B 181 -14.82 -11.20 1.74
CA ILE B 181 -13.48 -11.70 2.07
C ILE B 181 -13.31 -11.71 3.59
N TYR B 182 -13.88 -10.72 4.26
CA TYR B 182 -13.81 -10.64 5.71
C TYR B 182 -14.54 -11.80 6.39
N LEU B 183 -15.74 -12.13 5.91
CA LEU B 183 -16.54 -13.17 6.55
C LEU B 183 -16.11 -14.57 6.18
N ALA B 184 -15.78 -14.76 4.91
CA ALA B 184 -15.53 -16.09 4.35
C ALA B 184 -14.08 -16.38 3.97
N SER B 185 -13.12 -15.89 4.76
CA SER B 185 -11.71 -15.92 4.35
C SER B 185 -10.88 -17.14 4.76
N LYS B 186 -10.77 -17.39 6.07
CA LYS B 186 -9.86 -18.40 6.62
C LYS B 186 -8.38 -18.04 6.39
N ASN B 187 -8.05 -16.76 6.60
CA ASN B 187 -6.66 -16.27 6.73
C ASN B 187 -6.70 -14.99 7.54
N LEU B 188 -6.44 -15.12 8.84
CA LEU B 188 -6.70 -14.05 9.81
C LEU B 188 -6.14 -12.68 9.42
N ILE B 189 -4.96 -12.69 8.79
CA ILE B 189 -4.37 -11.48 8.23
C ILE B 189 -5.41 -10.78 7.36
N ASN B 190 -5.84 -11.47 6.31
CA ASN B 190 -6.78 -10.91 5.36
C ASN B 190 -8.10 -10.54 6.02
N GLN B 191 -8.44 -11.22 7.11
CA GLN B 191 -9.65 -10.91 7.87
C GLN B 191 -9.55 -9.54 8.55
N THR B 192 -8.48 -9.32 9.31
CA THR B 192 -8.31 -8.07 10.04
C THR B 192 -7.96 -6.90 9.13
N THR B 193 -7.39 -7.18 7.96
CA THR B 193 -7.10 -6.12 6.99
C THR B 193 -8.33 -5.77 6.14
N ALA B 194 -9.18 -6.75 5.87
CA ALA B 194 -10.44 -6.49 5.19
C ALA B 194 -11.41 -5.74 6.11
N LYS B 195 -11.31 -6.03 7.40
CA LYS B 195 -12.09 -5.32 8.42
C LYS B 195 -11.61 -3.87 8.48
N ALA B 196 -10.29 -3.69 8.37
CA ALA B 196 -9.65 -2.39 8.43
C ALA B 196 -9.99 -1.52 7.21
N THR B 197 -9.77 -2.07 6.01
CA THR B 197 -10.05 -1.33 4.78
C THR B 197 -11.54 -1.09 4.66
N LEU B 198 -12.33 -1.99 5.22
CA LEU B 198 -13.77 -1.83 5.31
C LEU B 198 -14.09 -0.52 6.04
N THR B 199 -13.52 -0.35 7.22
CA THR B 199 -13.75 0.86 8.02
C THR B 199 -13.33 2.08 7.22
N GLN B 200 -12.06 2.08 6.80
CA GLN B 200 -11.48 3.20 6.05
C GLN B 200 -12.34 3.61 4.85
N MET B 201 -12.71 2.64 4.00
CA MET B 201 -13.55 2.89 2.81
C MET B 201 -14.87 3.58 3.14
N LEU B 202 -15.59 3.00 4.10
CA LEU B 202 -16.89 3.52 4.51
C LEU B 202 -16.79 4.94 5.03
N ASN B 203 -15.74 5.20 5.80
CA ASN B 203 -15.51 6.52 6.38
C ASN B 203 -15.12 7.55 5.33
N VAL B 204 -14.32 7.14 4.35
CA VAL B 204 -13.91 8.00 3.23
C VAL B 204 -15.13 8.43 2.39
N ILE B 205 -15.88 7.45 1.91
CA ILE B 205 -17.02 7.71 1.03
C ILE B 205 -18.13 8.47 1.72
N PHE B 206 -18.33 8.17 3.01
CA PHE B 206 -19.32 8.89 3.81
C PHE B 206 -18.99 10.38 3.93
N ALA B 207 -17.72 10.70 4.21
CA ALA B 207 -17.28 12.08 4.35
C ALA B 207 -17.44 12.86 3.04
N ARG B 208 -17.12 12.20 1.94
CA ARG B 208 -17.29 12.78 0.60
C ARG B 208 -18.76 13.11 0.31
N MET B 209 -19.67 12.21 0.70
CA MET B 209 -21.11 12.46 0.62
C MET B 209 -21.55 13.62 1.51
N GLU B 210 -20.92 13.74 2.67
CA GLU B 210 -21.24 14.80 3.63
C GLU B 210 -20.99 16.21 3.11
N ASN B 211 -19.79 16.47 2.58
CA ASN B 211 -19.46 17.80 2.09
C ASN B 211 -20.02 18.11 0.69
N GLN B 212 -20.35 17.08 -0.07
CA GLN B 212 -21.11 17.25 -1.32
C GLN B 212 -22.47 17.83 -0.97
N ALA B 213 -23.08 17.29 0.09
CA ALA B 213 -24.39 17.74 0.56
C ALA B 213 -24.33 19.12 1.24
N LEU B 214 -23.19 19.43 1.85
CA LEU B 214 -23.02 20.72 2.51
C LEU B 214 -22.69 21.84 1.52
N GLN B 215 -22.02 21.49 0.41
CA GLN B 215 -21.83 22.43 -0.69
C GLN B 215 -23.17 22.73 -1.35
N GLU B 216 -24.04 21.70 -1.42
CA GLU B 216 -25.41 21.85 -1.93
C GLU B 216 -26.20 22.80 -1.03
N ALA B 217 -26.03 22.65 0.28
CA ALA B 217 -26.75 23.47 1.26
C ALA B 217 -26.22 24.90 1.34
N LYS B 218 -25.11 25.18 0.65
CA LYS B 218 -24.50 26.52 0.67
C LYS B 218 -24.48 27.24 -0.67
N GLN B 219 -24.36 26.49 -1.76
CA GLN B 219 -24.40 27.08 -3.10
C GLN B 219 -25.78 27.63 -3.44
N MET B 220 -26.82 27.00 -2.90
CA MET B 220 -28.19 27.50 -3.00
C MET B 220 -28.27 28.89 -2.36
N GLU B 221 -27.58 29.03 -1.22
CA GLU B 221 -27.50 30.29 -0.49
C GLU B 221 -26.68 31.32 -1.26
MG MG C . 4.11 6.83 1.50
S SO4 D . 24.61 10.47 18.00
O1 SO4 D . 24.14 9.28 18.75
O2 SO4 D . 23.67 10.80 16.91
O3 SO4 D . 24.70 11.62 18.94
O4 SO4 D . 25.94 10.20 17.42
S SO4 E . -0.91 -13.18 3.19
O1 SO4 E . -2.03 -14.12 2.94
O2 SO4 E . -1.43 -11.96 3.83
O3 SO4 E . 0.10 -13.80 4.08
O4 SO4 E . -0.29 -12.85 1.88
PG GTP F . 3.37 8.86 3.82
O1G GTP F . 3.19 7.47 3.24
O2G GTP F . 2.59 9.95 3.11
O3G GTP F . 3.22 8.94 5.32
O3B GTP F . 4.93 9.18 3.56
PB GTP F . 6.13 8.20 4.01
O1B GTP F . 5.96 6.84 3.35
O2B GTP F . 6.28 8.31 5.50
O3A GTP F . 7.45 8.90 3.44
PA GTP F . 7.85 8.82 1.88
O1A GTP F . 6.61 8.58 1.05
O2A GTP F . 9.01 7.84 1.76
O5' GTP F . 8.36 10.32 1.61
C5' GTP F . 9.52 10.88 2.25
C4' GTP F . 10.24 11.81 1.26
O4' GTP F . 11.45 12.30 1.85
C3' GTP F . 10.62 11.07 -0.01
O3' GTP F . 10.09 11.76 -1.13
C2' GTP F . 12.13 11.07 -0.08
O2' GTP F . 12.55 11.69 -1.31
C1' GTP F . 12.60 11.86 1.12
N9 GTP F . 13.48 11.00 1.95
C8 GTP F . 13.19 9.78 2.41
N7 GTP F . 14.21 9.26 3.14
C5 GTP F . 15.19 10.18 3.16
C6 GTP F . 16.55 10.30 3.75
O6 GTP F . 17.01 9.35 4.43
N1 GTP F . 17.23 11.42 3.54
C2 GTP F . 16.75 12.46 2.81
N2 GTP F . 17.51 13.56 2.64
N3 GTP F . 15.51 12.42 2.25
C4 GTP F . 14.69 11.34 2.38
#